data_3R5K
#
_entry.id   3R5K
#
_cell.length_a   89.85
_cell.length_b   89.85
_cell.length_c   185.91
_cell.angle_alpha   90.00
_cell.angle_beta   90.00
_cell.angle_gamma   120.00
#
_symmetry.space_group_name_H-M   'P 32 2 1'
#
loop_
_entity.id
_entity.type
_entity.pdbx_description
1 polymer Caspase-7
2 non-polymer 'FORMIC ACID'
3 water water
#
_entity_poly.entity_id   1
_entity_poly.type   'polypeptide(L)'
_entity_poly.pdbx_seq_one_letter_code
;MADDQGCIEEQGVEDSANEDSVDAKPDRSSFVPSLFSKKKKNVTMRSIKTTRDRVPTYQYNMNFEKLGKCIIINNKNFDK
VTGMGVRNGTDKDAEALFKCFRSLGFDVIVYNDCSCAKMQDLLKKASEEDHTNAACFACILLSHGEENVIYGKDGVTPIK
DLTAHFRGDRCKTLLEKPKLFFIQACRGTELDDGIQADMSGPINDTDANPCYKIPVEADFLFAYSTVPGYYSWRSPGRGS
WFVQALSSILEEHGKDLEIMQILTRVNDRVARHFESQSDDPHFHEKKQIPCVVSMLTKELYFSQLEHHHHHH
;
_entity_poly.pdbx_strand_id   A,B
#
loop_
_chem_comp.id
_chem_comp.type
_chem_comp.name
_chem_comp.formula
FMT non-polymer 'FORMIC ACID' 'C H2 O2'
#
# COMPACT_ATOMS: atom_id res chain seq x y z
N THR A 57 12.49 -19.26 -3.91
CA THR A 57 11.04 -19.39 -3.57
C THR A 57 10.66 -18.45 -2.42
N TYR A 58 11.54 -17.48 -2.19
CA TYR A 58 11.16 -16.25 -1.54
C TYR A 58 11.15 -15.16 -2.61
N GLN A 59 11.49 -15.55 -3.82
CA GLN A 59 11.52 -14.63 -4.96
C GLN A 59 10.54 -15.08 -6.01
N TYR A 60 10.05 -14.13 -6.79
CA TYR A 60 9.36 -14.47 -8.01
C TYR A 60 10.39 -15.04 -8.94
N ASN A 61 10.04 -16.15 -9.59
CA ASN A 61 10.85 -16.79 -10.61
C ASN A 61 11.05 -15.92 -11.87
N MET A 62 12.30 -15.57 -12.18
CA MET A 62 12.59 -14.76 -13.37
C MET A 62 13.11 -15.59 -14.56
N ASN A 63 12.94 -16.90 -14.50
CA ASN A 63 13.49 -17.75 -15.54
C ASN A 63 12.56 -17.94 -16.71
N PHE A 64 12.50 -16.91 -17.55
CA PHE A 64 11.58 -16.87 -18.67
C PHE A 64 12.30 -16.18 -19.83
N GLU A 65 11.96 -16.51 -21.08
CA GLU A 65 12.65 -15.85 -22.18
C GLU A 65 12.34 -14.35 -22.28
N LYS A 66 11.19 -13.92 -21.75
CA LYS A 66 10.91 -12.49 -21.59
C LYS A 66 10.65 -12.04 -20.14
N LEU A 67 11.09 -10.83 -19.82
CA LEU A 67 10.73 -10.20 -18.56
C LEU A 67 9.25 -9.89 -18.61
N GLY A 68 8.80 -9.28 -19.71
CA GLY A 68 7.38 -9.13 -19.97
C GLY A 68 7.08 -7.84 -20.71
N LYS A 69 5.79 -7.60 -20.89
CA LYS A 69 5.30 -6.41 -21.60
C LYS A 69 5.07 -5.23 -20.67
N CYS A 70 5.49 -4.05 -21.09
CA CYS A 70 5.12 -2.86 -20.34
C CYS A 70 4.42 -1.83 -21.22
N ILE A 71 3.19 -1.52 -20.84
CA ILE A 71 2.34 -0.58 -21.56
C ILE A 71 2.40 0.82 -20.94
N ILE A 72 2.86 1.80 -21.70
CA ILE A 72 2.78 3.16 -21.21
C ILE A 72 1.59 3.94 -21.82
N ILE A 73 0.71 4.44 -20.97
CA ILE A 73 -0.34 5.33 -21.45
C ILE A 73 -0.06 6.79 -21.12
N ASN A 74 0.35 7.55 -22.12
CA ASN A 74 0.82 8.93 -21.95
C ASN A 74 -0.27 9.97 -22.32
N ASN A 75 -1.17 10.27 -21.39
CA ASN A 75 -2.29 11.18 -21.68
C ASN A 75 -1.97 12.65 -21.44
N LYS A 76 -1.90 13.43 -22.51
CA LYS A 76 -1.35 14.79 -22.47
C LYS A 76 -2.35 15.85 -22.88
N ASN A 77 -3.02 15.60 -24.01
CA ASN A 77 -4.01 16.51 -24.57
C ASN A 77 -5.41 16.02 -24.29
N PHE A 78 -6.28 16.93 -23.87
CA PHE A 78 -7.61 16.54 -23.42
C PHE A 78 -8.71 17.29 -24.16
N ASP A 79 -9.74 16.55 -24.56
CA ASP A 79 -10.97 17.12 -25.10
C ASP A 79 -11.42 18.33 -24.27
N LYS A 80 -11.74 19.41 -24.98
CA LYS A 80 -12.26 20.63 -24.38
C LYS A 80 -13.25 20.37 -23.23
N VAL A 81 -14.29 19.56 -23.51
CA VAL A 81 -15.28 19.13 -22.50
C VAL A 81 -14.71 18.98 -21.08
N THR A 82 -13.76 18.06 -20.93
CA THR A 82 -13.23 17.66 -19.63
C THR A 82 -12.80 18.86 -18.78
N GLY A 83 -12.51 19.97 -19.45
CA GLY A 83 -12.07 21.19 -18.78
C GLY A 83 -10.66 21.08 -18.24
N MET A 84 -9.92 20.09 -18.74
CA MET A 84 -8.59 19.77 -18.20
C MET A 84 -7.45 20.38 -19.02
N GLY A 85 -6.47 20.95 -18.32
CA GLY A 85 -5.34 21.58 -18.99
C GLY A 85 -4.45 20.62 -19.78
N VAL A 86 -3.40 21.17 -20.37
CA VAL A 86 -2.38 20.34 -21.00
C VAL A 86 -1.36 19.96 -19.93
N ARG A 87 -0.81 18.76 -20.03
CA ARG A 87 0.18 18.29 -19.07
C ARG A 87 1.60 18.42 -19.62
N ASN A 88 2.10 19.64 -19.70
CA ASN A 88 3.50 19.85 -20.04
C ASN A 88 4.41 19.04 -19.11
N GLY A 89 5.43 18.42 -19.69
CA GLY A 89 6.34 17.56 -18.92
C GLY A 89 6.12 16.06 -19.12
N THR A 90 4.89 15.67 -19.43
CA THR A 90 4.56 14.26 -19.49
C THR A 90 5.38 13.54 -20.55
N ASP A 91 5.72 14.23 -21.64
CA ASP A 91 6.52 13.64 -22.71
C ASP A 91 7.90 13.31 -22.17
N LYS A 92 8.50 14.24 -21.45
CA LYS A 92 9.74 13.97 -20.72
C LYS A 92 9.64 12.76 -19.77
N ASP A 93 8.56 12.67 -18.99
CA ASP A 93 8.39 11.52 -18.11
C ASP A 93 8.36 10.25 -18.95
N ALA A 94 7.45 10.22 -19.92
CA ALA A 94 7.30 9.08 -20.81
C ALA A 94 8.63 8.64 -21.42
N GLU A 95 9.41 9.57 -21.93
CA GLU A 95 10.65 9.14 -22.55
C GLU A 95 11.49 8.47 -21.49
N ALA A 96 11.66 9.14 -20.35
CA ALA A 96 12.48 8.59 -19.27
C ALA A 96 12.07 7.16 -18.94
N LEU A 97 10.77 6.98 -18.76
CA LEU A 97 10.23 5.71 -18.36
C LEU A 97 10.34 4.66 -19.46
N PHE A 98 10.46 5.10 -20.71
CA PHE A 98 10.62 4.16 -21.82
C PHE A 98 12.02 3.56 -21.75
N LYS A 99 13.02 4.42 -21.63
CA LYS A 99 14.41 3.97 -21.52
C LYS A 99 14.64 3.12 -20.29
N CYS A 100 13.99 3.50 -19.18
CA CYS A 100 14.18 2.81 -17.91
C CYS A 100 13.74 1.40 -18.02
N PHE A 101 12.49 1.24 -18.41
CA PHE A 101 11.87 -0.05 -18.41
C PHE A 101 12.43 -0.90 -19.55
N ARG A 102 12.99 -0.25 -20.56
CA ARG A 102 13.68 -0.96 -21.62
C ARG A 102 14.93 -1.61 -21.03
N SER A 103 15.70 -0.80 -20.28
CA SER A 103 16.89 -1.25 -19.54
C SER A 103 16.67 -2.51 -18.71
N LEU A 104 15.52 -2.59 -18.08
CA LEU A 104 15.19 -3.78 -17.31
C LEU A 104 14.94 -4.97 -18.22
N GLY A 105 14.53 -4.70 -19.45
CA GLY A 105 14.27 -5.74 -20.44
C GLY A 105 12.81 -5.89 -20.73
N PHE A 106 12.03 -4.87 -20.39
CA PHE A 106 10.61 -4.86 -20.71
C PHE A 106 10.43 -4.56 -22.20
N ASP A 107 9.48 -5.24 -22.82
CA ASP A 107 9.01 -4.82 -24.13
C ASP A 107 8.02 -3.68 -23.96
N VAL A 108 8.47 -2.46 -24.21
CA VAL A 108 7.70 -1.26 -23.89
C VAL A 108 6.98 -0.72 -25.12
N ILE A 109 5.68 -0.48 -24.97
CA ILE A 109 4.92 0.26 -25.97
C ILE A 109 4.24 1.50 -25.40
N VAL A 110 4.36 2.62 -26.11
CA VAL A 110 3.70 3.85 -25.70
C VAL A 110 2.44 4.15 -26.52
N TYR A 111 1.35 4.51 -25.86
CA TYR A 111 0.15 4.97 -26.52
C TYR A 111 -0.20 6.38 -26.02
N ASN A 112 -0.32 7.34 -26.94
CA ASN A 112 -0.61 8.71 -26.54
C ASN A 112 -2.09 9.11 -26.65
N ASP A 113 -2.48 10.11 -25.86
CA ASP A 113 -3.86 10.61 -25.84
C ASP A 113 -4.93 9.58 -26.11
N CYS A 114 -5.02 8.58 -25.23
CA CYS A 114 -6.08 7.60 -25.31
C CYS A 114 -7.27 8.11 -24.56
N SER A 115 -8.44 7.84 -25.11
CA SER A 115 -9.68 8.01 -24.38
C SER A 115 -9.81 6.85 -23.40
N CYS A 116 -10.83 6.91 -22.54
CA CYS A 116 -11.34 5.70 -21.90
C CYS A 116 -11.86 4.84 -23.04
N ALA A 117 -12.24 3.60 -22.75
CA ALA A 117 -12.64 2.70 -23.83
C ALA A 117 -11.39 2.20 -24.56
N LYS A 118 -10.64 3.12 -25.18
CA LYS A 118 -9.32 2.77 -25.69
C LYS A 118 -8.41 2.24 -24.59
N MET A 119 -8.31 2.98 -23.48
CA MET A 119 -7.60 2.48 -22.31
C MET A 119 -8.11 1.10 -21.87
N GLN A 120 -9.42 0.93 -21.81
CA GLN A 120 -10.00 -0.38 -21.50
C GLN A 120 -9.63 -1.40 -22.56
N ASP A 121 -9.49 -0.95 -23.79
CA ASP A 121 -9.31 -1.89 -24.89
C ASP A 121 -7.92 -2.47 -24.86
N LEU A 122 -6.93 -1.58 -24.83
CA LEU A 122 -5.55 -1.95 -24.60
C LEU A 122 -5.44 -2.93 -23.46
N LEU A 123 -5.89 -2.52 -22.28
CA LEU A 123 -5.69 -3.35 -21.12
C LEU A 123 -6.43 -4.67 -21.23
N LYS A 124 -7.63 -4.66 -21.82
CA LYS A 124 -8.37 -5.89 -22.03
C LYS A 124 -7.63 -6.82 -22.99
N LYS A 125 -7.12 -6.26 -24.08
CA LYS A 125 -6.45 -7.02 -25.11
C LYS A 125 -5.20 -7.69 -24.54
N ALA A 126 -4.38 -6.90 -23.85
CA ALA A 126 -3.16 -7.41 -23.25
C ALA A 126 -3.43 -8.49 -22.20
N SER A 127 -4.43 -8.24 -21.36
CA SER A 127 -4.97 -9.24 -20.44
C SER A 127 -5.17 -10.58 -21.14
N GLU A 128 -5.53 -10.51 -22.41
CA GLU A 128 -5.96 -11.68 -23.17
C GLU A 128 -4.81 -12.26 -23.97
N GLU A 129 -3.70 -11.55 -24.04
CA GLU A 129 -2.52 -12.08 -24.74
C GLU A 129 -1.92 -13.27 -23.98
N ASP A 130 -0.86 -13.85 -24.54
CA ASP A 130 -0.25 -15.02 -23.91
C ASP A 130 1.02 -14.64 -23.15
N HIS A 131 1.01 -14.87 -21.83
CA HIS A 131 2.09 -14.40 -20.97
C HIS A 131 2.98 -15.52 -20.43
N THR A 132 2.61 -16.76 -20.73
CA THR A 132 3.42 -17.97 -20.46
C THR A 132 4.94 -17.81 -20.45
N ASN A 133 5.49 -17.13 -21.45
CA ASN A 133 6.93 -16.97 -21.52
C ASN A 133 7.43 -15.65 -20.92
N ALA A 134 6.52 -14.96 -20.23
CA ALA A 134 6.82 -13.68 -19.62
C ALA A 134 6.95 -13.83 -18.11
N ALA A 135 7.91 -13.14 -17.50
CA ALA A 135 8.06 -13.19 -16.05
C ALA A 135 6.94 -12.44 -15.32
N CYS A 136 6.55 -11.30 -15.87
CA CYS A 136 5.63 -10.40 -15.19
C CYS A 136 4.98 -9.41 -16.17
N PHE A 137 4.07 -8.58 -15.69
CA PHE A 137 3.46 -7.53 -16.50
C PHE A 137 3.49 -6.17 -15.81
N ALA A 138 3.64 -5.10 -16.59
CA ALA A 138 3.72 -3.76 -16.04
C ALA A 138 2.97 -2.78 -16.95
N CYS A 139 2.16 -1.91 -16.35
CA CYS A 139 1.48 -0.84 -17.07
C CYS A 139 1.75 0.47 -16.37
N ILE A 140 1.87 1.55 -17.13
CA ILE A 140 2.15 2.86 -16.55
C ILE A 140 1.12 3.87 -17.06
N LEU A 141 0.36 4.45 -16.15
CA LEU A 141 -0.58 5.51 -16.52
C LEU A 141 -0.10 6.92 -16.14
N LEU A 142 0.13 7.76 -17.15
CA LEU A 142 0.35 9.18 -16.91
C LEU A 142 -0.85 10.04 -17.36
N SER A 143 -1.59 10.61 -16.41
CA SER A 143 -2.80 11.37 -16.74
C SER A 143 -3.20 12.37 -15.66
N HIS A 144 -4.37 12.99 -15.83
CA HIS A 144 -5.03 13.73 -14.75
C HIS A 144 -5.74 12.75 -13.87
N GLY A 145 -5.96 13.10 -12.61
CA GLY A 145 -6.65 12.19 -11.71
C GLY A 145 -7.46 12.83 -10.60
N GLU A 146 -8.43 12.07 -10.10
CA GLU A 146 -9.11 12.37 -8.86
C GLU A 146 -9.27 11.04 -8.12
N GLU A 147 -9.78 11.07 -6.89
CA GLU A 147 -9.94 9.83 -6.08
C GLU A 147 -10.54 8.65 -6.87
N ASN A 148 -9.73 7.60 -7.05
CA ASN A 148 -10.21 6.28 -7.52
C ASN A 148 -10.35 6.11 -9.04
N VAL A 149 -10.31 7.23 -9.75
CA VAL A 149 -10.53 7.27 -11.20
C VAL A 149 -9.40 8.01 -11.91
N ILE A 150 -9.23 7.75 -13.19
CA ILE A 150 -8.36 8.61 -13.98
C ILE A 150 -8.88 9.00 -15.35
N TYR A 151 -8.26 10.05 -15.89
CA TYR A 151 -8.76 10.73 -17.06
C TYR A 151 -8.32 10.07 -18.34
N GLY A 152 -9.28 9.78 -19.21
CA GLY A 152 -9.04 9.66 -20.63
C GLY A 152 -8.95 11.03 -21.28
N LYS A 153 -8.58 11.05 -22.56
CA LYS A 153 -8.80 12.21 -23.41
C LYS A 153 -10.22 12.77 -23.26
N ASP A 154 -11.22 11.90 -23.16
CA ASP A 154 -12.62 12.32 -23.31
C ASP A 154 -13.49 12.27 -22.04
N GLY A 155 -12.95 11.72 -20.95
CA GLY A 155 -13.76 11.47 -19.74
C GLY A 155 -12.91 10.92 -18.61
N VAL A 156 -13.53 10.23 -17.68
CA VAL A 156 -12.77 9.48 -16.68
C VAL A 156 -13.20 8.03 -16.60
N THR A 157 -12.21 7.15 -16.46
CA THR A 157 -12.47 5.77 -16.11
C THR A 157 -11.85 5.47 -14.74
N PRO A 158 -12.49 4.59 -13.96
CA PRO A 158 -11.94 4.22 -12.65
C PRO A 158 -10.87 3.14 -12.73
N ILE A 159 -9.84 3.24 -11.88
CA ILE A 159 -8.67 2.39 -11.96
C ILE A 159 -9.00 0.90 -11.82
N LYS A 160 -9.83 0.55 -10.85
CA LYS A 160 -10.17 -0.85 -10.68
C LYS A 160 -10.66 -1.46 -11.99
N ASP A 161 -11.25 -0.64 -12.84
CA ASP A 161 -11.76 -1.18 -14.10
C ASP A 161 -10.64 -1.59 -15.05
N LEU A 162 -9.58 -0.79 -15.08
CA LEU A 162 -8.40 -1.12 -15.88
C LEU A 162 -7.71 -2.37 -15.37
N THR A 163 -7.38 -2.38 -14.08
CA THR A 163 -6.62 -3.47 -13.49
C THR A 163 -7.36 -4.80 -13.41
N ALA A 164 -8.69 -4.75 -13.30
CA ALA A 164 -9.46 -5.97 -13.03
C ALA A 164 -9.27 -7.03 -14.10
N HIS A 165 -8.93 -6.59 -15.31
CA HIS A 165 -8.70 -7.50 -16.42
C HIS A 165 -7.66 -8.55 -16.12
N PHE A 166 -6.82 -8.27 -15.13
CA PHE A 166 -5.66 -9.10 -14.84
C PHE A 166 -5.83 -10.01 -13.64
N ARG A 167 -6.95 -9.88 -12.93
CA ARG A 167 -7.31 -10.80 -11.86
C ARG A 167 -7.01 -12.23 -12.26
N GLY A 168 -6.51 -13.02 -11.32
CA GLY A 168 -6.13 -14.38 -11.58
C GLY A 168 -7.16 -15.18 -12.35
N ASP A 169 -8.43 -14.92 -12.05
CA ASP A 169 -9.51 -15.64 -12.70
C ASP A 169 -9.81 -15.10 -14.12
N ARG A 170 -9.13 -14.03 -14.51
CA ARG A 170 -9.42 -13.36 -15.78
C ARG A 170 -8.19 -13.24 -16.65
N CYS A 171 -7.09 -13.82 -16.19
CA CYS A 171 -5.87 -13.81 -16.95
C CYS A 171 -4.92 -14.88 -16.43
N LYS A 172 -5.05 -16.09 -16.96
CA LYS A 172 -4.37 -17.25 -16.37
C LYS A 172 -2.87 -17.32 -16.66
N THR A 173 -2.41 -16.76 -17.78
CA THR A 173 -0.99 -16.83 -18.13
C THR A 173 -0.14 -15.91 -17.28
N LEU A 174 -0.82 -15.07 -16.49
CA LEU A 174 -0.17 -14.16 -15.51
C LEU A 174 -0.37 -14.57 -14.02
N LEU A 175 -0.99 -15.73 -13.81
CA LEU A 175 -1.22 -16.27 -12.47
C LEU A 175 0.08 -16.50 -11.71
N GLU A 176 0.11 -16.11 -10.43
CA GLU A 176 1.31 -16.24 -9.60
C GLU A 176 2.46 -15.39 -10.10
N LYS A 177 2.16 -14.48 -11.02
CA LYS A 177 3.18 -13.59 -11.54
C LYS A 177 2.90 -12.14 -11.16
N PRO A 178 3.95 -11.38 -10.79
CA PRO A 178 3.71 -9.98 -10.42
C PRO A 178 2.98 -9.22 -11.51
N LYS A 179 1.99 -8.40 -11.13
CA LYS A 179 1.41 -7.42 -12.05
C LYS A 179 1.56 -6.02 -11.49
N LEU A 180 2.27 -5.16 -12.23
CA LEU A 180 2.70 -3.89 -11.70
C LEU A 180 2.04 -2.69 -12.37
N PHE A 181 1.40 -1.84 -11.57
CA PHE A 181 0.83 -0.61 -12.08
C PHE A 181 1.46 0.57 -11.39
N PHE A 182 2.05 1.46 -12.19
CA PHE A 182 2.64 2.70 -11.74
C PHE A 182 1.77 3.82 -12.25
N ILE A 183 1.37 4.74 -11.36
CA ILE A 183 0.35 5.71 -11.70
C ILE A 183 0.69 7.14 -11.27
N GLN A 184 1.08 7.97 -12.22
CA GLN A 184 1.35 9.38 -11.94
C GLN A 184 0.16 10.24 -12.37
N ALA A 185 -0.55 10.76 -11.38
CA ALA A 185 -1.83 11.42 -11.58
C ALA A 185 -2.23 12.09 -10.27
N CYS A 186 -2.83 13.27 -10.37
CA CYS A 186 -3.55 13.89 -9.25
C CYS A 186 -4.55 12.94 -8.57
N ARG A 187 -4.83 13.17 -7.29
CA ARG A 187 -5.73 12.30 -6.52
C ARG A 187 -6.73 13.09 -5.68
N GLY A 188 -6.73 14.42 -5.86
CA GLY A 188 -7.69 15.30 -5.22
C GLY A 188 -7.12 16.68 -4.94
N THR A 189 -7.82 17.41 -4.07
CA THR A 189 -7.54 18.83 -3.82
C THR A 189 -6.24 19.11 -3.04
N GLU A 190 -5.86 18.18 -2.16
CA GLU A 190 -5.33 18.52 -0.83
C GLU A 190 -4.09 19.44 -0.69
N LEU A 191 -2.97 19.09 -1.32
CA LEU A 191 -1.71 19.82 -1.08
C LEU A 191 -1.11 19.54 0.30
N ASP A 192 0.22 19.48 0.37
CA ASP A 192 0.91 19.15 1.61
C ASP A 192 1.76 20.32 2.09
N ASP A 193 1.50 20.76 3.32
CA ASP A 193 2.15 21.96 3.85
C ASP A 193 3.59 21.71 4.31
N GLY A 194 3.81 20.63 5.06
CA GLY A 194 5.16 20.23 5.47
C GLY A 194 5.50 20.55 6.92
N ILE A 195 6.79 20.49 7.25
CA ILE A 195 7.26 20.57 8.63
C ILE A 195 8.75 20.16 8.66
N GLN A 196 9.51 20.58 9.69
CA GLN A 196 10.97 20.45 9.69
C GLN A 196 11.50 19.06 10.08
N CYS A 211 -3.46 -30.24 -4.41
CA CYS A 211 -4.63 -29.60 -5.00
C CYS A 211 -5.08 -28.40 -4.15
N TYR A 212 -4.74 -27.19 -4.62
CA TYR A 212 -4.85 -25.98 -3.79
C TYR A 212 -4.98 -24.67 -4.60
N LYS A 213 -5.77 -23.73 -4.10
CA LYS A 213 -6.07 -22.49 -4.82
C LYS A 213 -5.21 -21.31 -4.36
N ILE A 214 -5.37 -20.19 -5.08
CA ILE A 214 -4.67 -18.94 -4.76
C ILE A 214 -5.60 -17.76 -5.11
N PRO A 215 -5.64 -16.72 -4.25
CA PRO A 215 -6.52 -15.54 -4.38
C PRO A 215 -6.45 -14.84 -5.74
N VAL A 216 -7.58 -14.33 -6.21
CA VAL A 216 -7.59 -13.70 -7.53
C VAL A 216 -7.03 -12.29 -7.49
N GLU A 217 -7.05 -11.69 -6.28
CA GLU A 217 -6.53 -10.34 -6.03
C GLU A 217 -5.04 -10.32 -5.69
N ALA A 218 -4.45 -11.49 -5.44
CA ALA A 218 -3.04 -11.62 -5.11
C ALA A 218 -2.10 -11.21 -6.24
N ASP A 219 -0.89 -10.85 -5.88
CA ASP A 219 0.19 -10.61 -6.83
C ASP A 219 0.08 -9.33 -7.64
N PHE A 220 -0.63 -8.35 -7.11
CA PHE A 220 -0.61 -7.00 -7.68
C PHE A 220 0.21 -6.04 -6.84
N LEU A 221 0.80 -5.05 -7.49
CA LEU A 221 1.40 -3.94 -6.81
C LEU A 221 1.09 -2.65 -7.54
N PHE A 222 0.63 -1.64 -6.81
CA PHE A 222 0.45 -0.30 -7.35
C PHE A 222 1.44 0.67 -6.68
N ALA A 223 2.14 1.46 -7.50
CA ALA A 223 2.90 2.58 -6.99
C ALA A 223 2.27 3.91 -7.44
N TYR A 224 1.52 4.58 -6.56
CA TYR A 224 0.94 5.87 -6.90
C TYR A 224 1.92 6.99 -6.70
N SER A 225 1.77 8.06 -7.48
CA SER A 225 2.61 9.25 -7.37
C SER A 225 2.41 9.97 -6.04
N THR A 226 1.32 9.65 -5.36
CA THR A 226 0.82 10.47 -4.24
C THR A 226 -0.23 9.76 -3.36
N VAL A 227 -0.35 10.19 -2.11
CA VAL A 227 -1.38 9.67 -1.19
C VAL A 227 -2.80 10.01 -1.67
N PRO A 228 -3.78 9.13 -1.37
CA PRO A 228 -5.17 9.42 -1.74
C PRO A 228 -5.61 10.81 -1.26
N GLY A 229 -6.19 11.59 -2.17
CA GLY A 229 -6.78 12.88 -1.81
C GLY A 229 -5.85 14.05 -2.01
N TYR A 230 -4.71 13.82 -2.66
CA TYR A 230 -3.66 14.84 -2.75
C TYR A 230 -3.32 15.31 -4.17
N TYR A 231 -2.57 16.42 -4.24
CA TYR A 231 -2.06 16.92 -5.49
C TYR A 231 -0.82 16.12 -5.93
N SER A 232 -0.62 15.99 -7.24
CA SER A 232 0.60 15.41 -7.79
C SER A 232 1.40 16.42 -8.59
N TRP A 233 2.63 16.68 -8.15
CA TRP A 233 3.44 17.75 -8.72
C TRP A 233 4.19 17.35 -9.98
N ARG A 234 4.32 18.30 -10.89
CA ARG A 234 4.96 18.11 -12.18
C ARG A 234 5.44 19.43 -12.75
N SER A 235 6.75 19.67 -12.67
CA SER A 235 7.37 20.83 -13.31
C SER A 235 7.35 20.67 -14.84
N PRO A 236 6.71 21.63 -15.57
CA PRO A 236 6.60 21.59 -17.03
C PRO A 236 7.92 21.29 -17.76
N GLY A 237 9.04 21.77 -17.21
CA GLY A 237 10.34 21.66 -17.87
C GLY A 237 11.16 20.44 -17.48
N ARG A 238 10.83 19.80 -16.36
CA ARG A 238 11.58 18.63 -15.87
C ARG A 238 10.73 17.38 -15.68
N GLY A 239 9.40 17.53 -15.70
CA GLY A 239 8.48 16.40 -15.53
C GLY A 239 8.10 16.12 -14.09
N SER A 240 7.39 15.01 -13.87
CA SER A 240 7.05 14.54 -12.52
C SER A 240 8.25 14.43 -11.60
N TRP A 241 8.06 14.91 -10.38
CA TRP A 241 8.94 14.63 -9.26
C TRP A 241 9.14 13.10 -9.07
N PHE A 242 8.03 12.41 -8.96
CA PHE A 242 7.96 10.97 -8.93
C PHE A 242 8.77 10.31 -10.05
N VAL A 243 8.54 10.75 -11.29
CA VAL A 243 9.20 10.10 -12.41
C VAL A 243 10.70 10.43 -12.50
N GLN A 244 11.05 11.71 -12.38
CA GLN A 244 12.45 12.07 -12.16
C GLN A 244 13.13 11.11 -11.17
N ALA A 245 12.54 10.99 -9.98
CA ALA A 245 13.02 10.07 -8.94
C ALA A 245 13.15 8.64 -9.43
N LEU A 246 12.03 8.05 -9.85
CA LEU A 246 11.93 6.65 -10.23
C LEU A 246 12.83 6.27 -11.39
N SER A 247 13.02 7.16 -12.34
CA SER A 247 13.93 6.88 -13.44
C SER A 247 15.38 6.83 -12.98
N SER A 248 15.82 7.83 -12.22
CA SER A 248 17.19 7.81 -11.68
C SER A 248 17.48 6.54 -10.89
N ILE A 249 16.58 6.18 -9.99
CA ILE A 249 16.80 5.07 -9.09
C ILE A 249 16.87 3.74 -9.83
N LEU A 250 16.05 3.60 -10.87
CA LEU A 250 16.08 2.39 -11.69
C LEU A 250 17.32 2.41 -12.56
N GLU A 251 17.63 3.59 -13.08
CA GLU A 251 18.83 3.77 -13.90
C GLU A 251 20.02 3.20 -13.15
N GLU A 252 20.17 3.62 -11.90
CA GLU A 252 21.31 3.26 -11.06
C GLU A 252 21.20 1.92 -10.32
N HIS A 253 20.01 1.49 -9.93
CA HIS A 253 19.85 0.32 -9.06
C HIS A 253 18.79 -0.69 -9.49
N GLY A 254 18.16 -0.44 -10.63
CA GLY A 254 17.07 -1.27 -11.11
C GLY A 254 17.33 -2.76 -11.12
N LYS A 255 18.59 -3.16 -11.20
CA LYS A 255 18.91 -4.59 -11.29
C LYS A 255 19.37 -5.24 -9.98
N ASP A 256 19.70 -4.43 -8.97
CA ASP A 256 20.18 -5.02 -7.72
C ASP A 256 19.41 -4.70 -6.44
N LEU A 257 18.28 -4.01 -6.57
CA LEU A 257 17.39 -3.76 -5.44
C LEU A 257 16.05 -4.44 -5.65
N GLU A 258 15.50 -5.04 -4.60
CA GLU A 258 14.13 -5.53 -4.61
C GLU A 258 13.12 -4.40 -4.87
N ILE A 259 11.97 -4.75 -5.42
CA ILE A 259 11.02 -3.73 -5.87
C ILE A 259 10.64 -2.78 -4.74
N MET A 260 10.45 -3.32 -3.52
CA MET A 260 10.05 -2.49 -2.38
C MET A 260 11.18 -1.55 -1.93
N GLN A 261 12.41 -2.01 -2.04
CA GLN A 261 13.56 -1.13 -1.83
C GLN A 261 13.57 0.02 -2.83
N ILE A 262 13.34 -0.28 -4.10
CA ILE A 262 13.38 0.76 -5.12
C ILE A 262 12.34 1.79 -4.78
N LEU A 263 11.11 1.32 -4.59
CA LEU A 263 10.01 2.22 -4.33
C LEU A 263 10.21 3.02 -3.03
N THR A 264 10.67 2.38 -1.96
CA THR A 264 11.04 3.13 -0.75
C THR A 264 12.07 4.25 -0.98
N ARG A 265 13.11 3.99 -1.75
CA ARG A 265 14.02 5.08 -2.19
C ARG A 265 13.31 6.19 -2.95
N VAL A 266 12.38 5.85 -3.84
CA VAL A 266 11.62 6.88 -4.53
C VAL A 266 10.85 7.71 -3.53
N ASN A 267 10.13 7.05 -2.64
CA ASN A 267 9.42 7.76 -1.58
C ASN A 267 10.32 8.74 -0.86
N ASP A 268 11.49 8.25 -0.46
CA ASP A 268 12.46 9.06 0.25
C ASP A 268 12.98 10.22 -0.60
N ARG A 269 13.31 9.95 -1.86
CA ARG A 269 13.80 11.00 -2.74
C ARG A 269 12.76 12.07 -3.07
N VAL A 270 11.53 11.65 -3.31
CA VAL A 270 10.46 12.61 -3.57
C VAL A 270 10.19 13.46 -2.34
N ALA A 271 10.39 12.88 -1.16
CA ALA A 271 10.03 13.58 0.06
C ALA A 271 11.08 14.61 0.47
N ARG A 272 12.35 14.21 0.49
CA ARG A 272 13.43 15.09 0.94
C ARG A 272 13.70 16.20 -0.07
N HIS A 273 14.02 15.81 -1.29
CA HIS A 273 14.69 16.73 -2.22
C HIS A 273 13.73 17.55 -3.09
N PHE A 274 12.44 17.50 -2.80
CA PHE A 274 11.48 18.24 -3.58
C PHE A 274 10.60 19.17 -2.76
N GLU A 275 10.48 20.42 -3.23
CA GLU A 275 9.59 21.45 -2.66
C GLU A 275 9.11 22.38 -3.76
N SER A 276 7.80 22.62 -3.81
CA SER A 276 7.19 23.36 -4.92
C SER A 276 7.25 24.87 -4.67
N GLN A 277 7.47 25.64 -5.73
CA GLN A 277 7.44 27.10 -5.64
C GLN A 277 6.49 27.75 -6.64
N SER A 278 5.72 28.70 -6.13
CA SER A 278 4.75 29.43 -6.93
C SER A 278 4.62 30.85 -6.39
N ASP A 279 4.25 31.78 -7.26
CA ASP A 279 3.98 33.16 -6.85
C ASP A 279 2.71 33.26 -6.01
N ASP A 280 1.73 32.43 -6.34
CA ASP A 280 0.61 32.16 -5.43
C ASP A 280 1.11 31.53 -4.12
N PRO A 281 0.80 32.17 -2.97
CA PRO A 281 1.18 31.56 -1.70
C PRO A 281 0.47 30.23 -1.42
N HIS A 282 -0.75 30.08 -1.95
CA HIS A 282 -1.53 28.85 -1.80
C HIS A 282 -0.85 27.62 -2.40
N PHE A 283 0.08 27.85 -3.33
CA PHE A 283 0.82 26.77 -3.99
C PHE A 283 2.31 26.78 -3.65
N HIS A 284 2.80 27.85 -3.03
CA HIS A 284 4.22 27.94 -2.73
C HIS A 284 4.62 27.00 -1.58
N GLU A 285 5.75 26.31 -1.78
CA GLU A 285 6.41 25.50 -0.76
C GLU A 285 5.62 24.27 -0.29
N LYS A 286 4.85 23.68 -1.20
CA LYS A 286 4.12 22.45 -0.91
C LYS A 286 5.03 21.22 -1.01
N LYS A 287 4.61 20.12 -0.41
CA LYS A 287 5.37 18.85 -0.46
C LYS A 287 4.52 17.67 -0.97
N GLN A 288 5.15 16.50 -1.10
CA GLN A 288 4.49 15.32 -1.69
C GLN A 288 5.14 14.02 -1.22
N ILE A 289 4.33 12.96 -1.11
CA ILE A 289 4.83 11.63 -0.78
C ILE A 289 4.08 10.61 -1.65
N PRO A 290 4.82 9.72 -2.32
CA PRO A 290 4.13 8.68 -3.08
C PRO A 290 3.60 7.60 -2.14
N CYS A 291 2.79 6.70 -2.68
CA CYS A 291 2.06 5.77 -1.86
C CYS A 291 2.06 4.43 -2.56
N VAL A 292 2.64 3.41 -1.92
CA VAL A 292 2.80 2.09 -2.53
C VAL A 292 1.82 1.09 -1.92
N VAL A 293 1.03 0.44 -2.77
CA VAL A 293 0.11 -0.60 -2.31
C VAL A 293 0.60 -1.90 -2.88
N SER A 294 0.83 -2.88 -2.00
CA SER A 294 1.45 -4.14 -2.40
C SER A 294 0.66 -5.35 -1.91
N MET A 295 0.29 -6.23 -2.85
CA MET A 295 -0.12 -7.59 -2.48
C MET A 295 0.77 -8.65 -3.10
N LEU A 296 2.05 -8.34 -3.27
CA LEU A 296 2.97 -9.34 -3.73
C LEU A 296 3.15 -10.40 -2.65
N THR A 297 3.67 -11.55 -3.04
CA THR A 297 3.77 -12.68 -2.12
C THR A 297 5.20 -13.21 -2.12
N LYS A 298 6.09 -12.50 -2.82
CA LYS A 298 7.50 -12.86 -2.93
C LYS A 298 8.28 -11.58 -3.07
N GLU A 299 9.59 -11.65 -2.92
CA GLU A 299 10.43 -10.53 -3.34
C GLU A 299 10.52 -10.54 -4.84
N LEU A 300 10.66 -9.35 -5.42
CA LEU A 300 10.74 -9.19 -6.84
C LEU A 300 12.04 -8.46 -7.20
N TYR A 301 12.92 -9.15 -7.91
CA TYR A 301 14.10 -8.53 -8.51
C TYR A 301 14.02 -8.63 -10.04
N PHE A 302 14.55 -7.63 -10.72
CA PHE A 302 14.49 -7.63 -12.16
C PHE A 302 15.70 -8.29 -12.78
N SER A 303 16.14 -9.41 -12.21
CA SER A 303 17.39 -10.09 -12.63
C SER A 303 17.51 -11.55 -12.14
N GLN A 304 18.58 -12.23 -12.62
CA GLN A 304 18.85 -13.64 -12.30
C GLN A 304 17.68 -14.55 -12.72
N THR B 57 21.75 7.61 5.13
CA THR B 57 21.56 6.13 5.34
C THR B 57 20.23 5.63 4.77
N TYR B 58 20.00 4.32 4.89
CA TYR B 58 18.88 3.68 4.22
C TYR B 58 17.96 3.00 5.22
N GLN B 59 18.42 2.91 6.47
CA GLN B 59 17.63 2.37 7.56
C GLN B 59 17.05 3.49 8.40
N TYR B 60 15.86 3.26 8.96
CA TYR B 60 15.35 4.12 10.03
C TYR B 60 16.25 3.97 11.23
N ASN B 61 16.65 5.10 11.81
CA ASN B 61 17.49 5.08 12.99
C ASN B 61 16.84 4.34 14.15
N MET B 62 17.56 3.38 14.70
CA MET B 62 17.04 2.58 15.80
C MET B 62 17.81 2.73 17.13
N ASN B 63 18.64 3.77 17.25
CA ASN B 63 19.39 3.97 18.48
C ASN B 63 18.70 4.93 19.45
N PHE B 64 17.57 4.51 20.01
CA PHE B 64 16.83 5.30 21.00
C PHE B 64 16.71 4.51 22.32
N GLU B 65 16.32 5.18 23.41
CA GLU B 65 16.14 4.48 24.68
C GLU B 65 15.14 3.34 24.52
N LYS B 66 13.97 3.64 23.99
CA LYS B 66 13.00 2.60 23.75
C LYS B 66 12.61 2.44 22.27
N LEU B 67 12.24 1.22 21.89
CA LEU B 67 11.67 0.92 20.57
C LEU B 67 10.39 1.70 20.32
N GLY B 68 9.52 1.74 21.33
CA GLY B 68 8.34 2.58 21.26
C GLY B 68 7.08 1.94 21.79
N LYS B 69 6.01 2.73 21.79
CA LYS B 69 4.72 2.32 22.30
C LYS B 69 4.02 1.41 21.29
N CYS B 70 3.22 0.45 21.78
CA CYS B 70 2.42 -0.40 20.90
C CYS B 70 1.02 -0.60 21.47
N ILE B 71 0.06 0.16 20.93
CA ILE B 71 -1.30 0.11 21.42
C ILE B 71 -2.07 -0.95 20.64
N ILE B 72 -2.74 -1.84 21.37
CA ILE B 72 -3.59 -2.86 20.77
C ILE B 72 -5.03 -2.68 21.24
N ILE B 73 -5.94 -2.44 20.30
CA ILE B 73 -7.34 -2.28 20.65
C ILE B 73 -8.05 -3.57 20.30
N ASN B 74 -8.71 -4.19 21.28
CA ASN B 74 -9.20 -5.55 21.12
C ASN B 74 -10.71 -5.51 21.30
N ASN B 75 -11.42 -5.33 20.19
CA ASN B 75 -12.86 -5.20 20.28
C ASN B 75 -13.52 -6.55 20.05
N LYS B 76 -14.07 -7.12 21.13
CA LYS B 76 -14.64 -8.45 21.09
C LYS B 76 -16.15 -8.39 21.21
N ASN B 77 -16.66 -7.50 22.07
CA ASN B 77 -18.09 -7.38 22.30
C ASN B 77 -18.64 -6.07 21.83
N PHE B 78 -19.89 -6.11 21.38
CA PHE B 78 -20.49 -4.95 20.74
C PHE B 78 -21.93 -4.77 21.17
N ASP B 79 -22.36 -3.50 21.29
CA ASP B 79 -23.74 -3.16 21.61
C ASP B 79 -24.69 -3.82 20.60
N LYS B 80 -25.81 -4.37 21.05
CA LYS B 80 -26.69 -5.11 20.14
C LYS B 80 -27.28 -4.30 18.98
N VAL B 81 -27.45 -2.99 19.19
CA VAL B 81 -27.99 -2.12 18.15
C VAL B 81 -27.08 -1.89 16.95
N THR B 82 -25.80 -2.19 17.08
CA THR B 82 -24.89 -2.12 15.92
C THR B 82 -25.13 -3.33 15.05
N GLY B 83 -25.87 -4.30 15.59
CA GLY B 83 -26.20 -5.53 14.87
C GLY B 83 -24.99 -6.41 14.65
N MET B 84 -23.90 -6.10 15.35
CA MET B 84 -22.64 -6.83 15.23
C MET B 84 -22.53 -7.93 16.30
N GLY B 85 -21.98 -9.07 15.91
CA GLY B 85 -21.81 -10.20 16.81
C GLY B 85 -20.49 -10.27 17.58
N VAL B 86 -20.49 -11.03 18.67
CA VAL B 86 -19.28 -11.42 19.37
C VAL B 86 -18.17 -11.85 18.42
N ARG B 87 -17.00 -11.27 18.56
CA ARG B 87 -15.89 -11.59 17.68
C ARG B 87 -15.05 -12.75 18.24
N ASN B 88 -15.64 -13.94 18.34
CA ASN B 88 -14.89 -15.09 18.90
C ASN B 88 -13.56 -15.31 18.21
N GLY B 89 -12.52 -15.52 19.01
CA GLY B 89 -11.19 -15.84 18.51
C GLY B 89 -10.29 -14.62 18.60
N THR B 90 -10.88 -13.47 18.87
CA THR B 90 -10.09 -12.26 18.98
C THR B 90 -9.12 -12.22 20.17
N ASP B 91 -9.50 -12.80 21.32
CA ASP B 91 -8.57 -12.90 22.44
C ASP B 91 -7.26 -13.67 22.13
N LYS B 92 -7.35 -14.75 21.35
CA LYS B 92 -6.14 -15.42 20.80
C LYS B 92 -5.23 -14.43 20.10
N ASP B 93 -5.83 -13.50 19.37
CA ASP B 93 -5.08 -12.62 18.48
C ASP B 93 -4.29 -11.62 19.29
N ALA B 94 -4.99 -10.98 20.22
CA ALA B 94 -4.41 -10.02 21.15
C ALA B 94 -3.30 -10.66 21.95
N GLU B 95 -3.53 -11.92 22.33
CA GLU B 95 -2.53 -12.64 23.10
C GLU B 95 -1.28 -12.85 22.26
N ALA B 96 -1.45 -13.35 21.04
CA ALA B 96 -0.28 -13.68 20.23
C ALA B 96 0.50 -12.41 19.93
N LEU B 97 -0.21 -11.30 19.76
CA LEU B 97 0.41 -10.06 19.33
C LEU B 97 1.07 -9.28 20.48
N PHE B 98 0.46 -9.28 21.66
CA PHE B 98 1.11 -8.63 22.76
C PHE B 98 2.38 -9.39 23.11
N LYS B 99 2.34 -10.72 23.04
CA LYS B 99 3.57 -11.49 23.12
C LYS B 99 4.63 -11.09 22.06
N CYS B 100 4.29 -11.21 20.78
CA CYS B 100 5.21 -10.78 19.71
C CYS B 100 5.79 -9.39 19.93
N PHE B 101 4.92 -8.41 20.19
CA PHE B 101 5.39 -7.05 20.18
C PHE B 101 6.27 -6.73 21.42
N ARG B 102 5.94 -7.34 22.55
CA ARG B 102 6.70 -7.14 23.77
C ARG B 102 8.09 -7.74 23.53
N SER B 103 8.06 -8.89 22.87
CA SER B 103 9.22 -9.69 22.57
C SER B 103 10.22 -8.91 21.74
N LEU B 104 9.72 -7.94 20.99
CA LEU B 104 10.53 -7.12 20.12
C LEU B 104 11.04 -5.91 20.88
N GLY B 105 10.46 -5.66 22.03
CA GLY B 105 10.86 -4.52 22.84
C GLY B 105 9.91 -3.34 22.81
N PHE B 106 8.72 -3.55 22.25
CA PHE B 106 7.63 -2.58 22.40
C PHE B 106 7.08 -2.51 23.86
N ASP B 107 6.76 -1.31 24.31
CA ASP B 107 5.93 -1.19 25.51
C ASP B 107 4.47 -1.33 25.11
N VAL B 108 3.90 -2.51 25.31
CA VAL B 108 2.56 -2.76 24.82
C VAL B 108 1.45 -2.61 25.85
N ILE B 109 0.36 -1.97 25.41
CA ILE B 109 -0.82 -1.72 26.21
C ILE B 109 -2.00 -2.31 25.47
N VAL B 110 -2.81 -3.12 26.15
CA VAL B 110 -3.95 -3.75 25.52
C VAL B 110 -5.27 -3.21 26.07
N TYR B 111 -6.00 -2.45 25.25
CA TYR B 111 -7.35 -2.00 25.62
C TYR B 111 -8.43 -2.95 25.12
N ASN B 112 -9.54 -3.05 25.85
CA ASN B 112 -10.61 -3.95 25.44
C ASN B 112 -12.01 -3.33 25.32
N ASP B 113 -12.77 -3.80 24.32
CA ASP B 113 -14.12 -3.32 24.08
C ASP B 113 -14.25 -1.76 24.13
N CYS B 114 -13.56 -1.06 23.24
CA CYS B 114 -13.65 0.40 23.26
C CYS B 114 -14.84 0.99 22.53
N SER B 115 -15.34 2.12 23.06
CA SER B 115 -16.29 2.93 22.33
C SER B 115 -15.60 3.66 21.17
N CYS B 116 -16.39 4.30 20.30
CA CYS B 116 -15.78 5.13 19.27
C CYS B 116 -15.07 6.34 19.82
N ALA B 117 -15.67 6.99 20.82
CA ALA B 117 -14.99 8.07 21.52
C ALA B 117 -13.70 7.61 22.21
N LYS B 118 -13.71 6.43 22.85
CA LYS B 118 -12.48 5.95 23.46
C LYS B 118 -11.39 5.70 22.42
N MET B 119 -11.70 5.00 21.33
CA MET B 119 -10.68 4.83 20.29
C MET B 119 -10.12 6.18 19.83
N GLN B 120 -10.99 7.13 19.48
CA GLN B 120 -10.58 8.49 19.11
C GLN B 120 -9.73 9.18 20.18
N ASP B 121 -10.19 9.19 21.42
CA ASP B 121 -9.55 9.96 22.48
C ASP B 121 -8.24 9.31 22.92
N LEU B 122 -8.26 7.99 22.95
CA LEU B 122 -7.09 7.19 23.19
C LEU B 122 -5.93 7.59 22.30
N LEU B 123 -6.17 7.54 20.99
CA LEU B 123 -5.12 7.69 20.02
C LEU B 123 -4.68 9.14 19.91
N LYS B 124 -5.58 10.05 20.24
CA LYS B 124 -5.25 11.47 20.29
C LYS B 124 -4.21 11.71 21.39
N LYS B 125 -4.48 11.21 22.59
CA LYS B 125 -3.56 11.31 23.73
C LYS B 125 -2.20 10.72 23.40
N ALA B 126 -2.18 9.48 22.90
CA ALA B 126 -0.94 8.86 22.49
C ALA B 126 -0.10 9.78 21.59
N SER B 127 -0.77 10.52 20.70
CA SER B 127 -0.07 11.32 19.71
C SER B 127 0.47 12.59 20.35
N GLU B 128 -0.16 12.95 21.47
CA GLU B 128 0.24 14.12 22.24
C GLU B 128 1.27 13.81 23.34
N GLU B 129 1.65 12.55 23.48
CA GLU B 129 2.67 12.19 24.44
C GLU B 129 4.00 12.48 23.78
N ASP B 130 5.10 12.22 24.48
CA ASP B 130 6.41 12.67 24.01
C ASP B 130 7.27 11.49 23.53
N HIS B 131 7.42 11.40 22.21
CA HIS B 131 8.01 10.21 21.61
C HIS B 131 9.51 10.35 21.31
N THR B 132 10.09 11.47 21.76
CA THR B 132 11.51 11.79 21.57
C THR B 132 12.45 10.63 21.85
N ASN B 133 12.15 9.85 22.88
CA ASN B 133 13.03 8.79 23.32
C ASN B 133 12.67 7.44 22.69
N ALA B 134 11.72 7.47 21.74
CA ALA B 134 11.19 6.26 21.10
C ALA B 134 11.56 6.22 19.62
N ALA B 135 11.93 5.04 19.11
CA ALA B 135 12.34 4.87 17.70
C ALA B 135 11.17 4.90 16.71
N CYS B 136 9.99 4.44 17.15
CA CYS B 136 8.86 4.26 16.26
C CYS B 136 7.58 4.11 17.09
N PHE B 137 6.45 3.94 16.39
CA PHE B 137 5.17 3.75 17.06
C PHE B 137 4.31 2.71 16.31
N ALA B 138 3.60 1.85 17.04
CA ALA B 138 2.77 0.86 16.38
C ALA B 138 1.40 0.81 17.02
N CYS B 139 0.38 0.61 16.20
CA CYS B 139 -0.97 0.49 16.69
C CYS B 139 -1.66 -0.67 15.97
N ILE B 140 -2.37 -1.50 16.72
CA ILE B 140 -3.02 -2.67 16.15
C ILE B 140 -4.52 -2.63 16.42
N LEU B 141 -5.32 -2.65 15.36
CA LEU B 141 -6.79 -2.60 15.50
C LEU B 141 -7.43 -3.95 15.23
N LEU B 142 -8.15 -4.48 16.22
CA LEU B 142 -8.87 -5.74 16.04
C LEU B 142 -10.33 -5.49 16.32
N SER B 143 -11.14 -5.46 15.26
CA SER B 143 -12.54 -5.12 15.41
C SER B 143 -13.32 -5.58 14.17
N HIS B 144 -14.61 -5.30 14.16
CA HIS B 144 -15.40 -5.38 12.95
C HIS B 144 -15.08 -4.17 12.11
N GLY B 145 -15.25 -4.30 10.80
CA GLY B 145 -15.03 -3.19 9.90
C GLY B 145 -15.89 -3.26 8.66
N GLU B 146 -15.93 -2.15 7.94
CA GLU B 146 -16.55 -2.04 6.65
C GLU B 146 -15.65 -1.09 5.91
N GLU B 147 -15.79 -0.96 4.60
CA GLU B 147 -14.87 -0.12 3.85
C GLU B 147 -14.74 1.26 4.50
N ASN B 148 -13.51 1.59 4.92
CA ASN B 148 -13.15 2.93 5.45
C ASN B 148 -13.29 3.16 6.95
N VAL B 149 -13.69 2.13 7.68
CA VAL B 149 -14.33 2.35 8.95
C VAL B 149 -14.09 1.16 9.86
N ILE B 150 -13.88 1.40 11.16
CA ILE B 150 -13.79 0.30 12.12
C ILE B 150 -14.84 0.56 13.16
N TYR B 151 -15.34 -0.50 13.77
CA TYR B 151 -16.32 -0.41 14.83
C TYR B 151 -15.67 -0.21 16.18
N GLY B 152 -16.24 0.69 16.99
CA GLY B 152 -16.23 0.54 18.45
C GLY B 152 -17.38 -0.35 18.91
N LYS B 153 -17.61 -0.45 20.22
CA LYS B 153 -18.75 -1.25 20.66
C LYS B 153 -20.00 -0.45 20.36
N ASP B 154 -19.75 0.83 20.27
CA ASP B 154 -20.68 1.93 20.09
C ASP B 154 -21.36 1.98 18.71
N GLY B 155 -20.65 1.50 17.69
CA GLY B 155 -20.76 2.12 16.38
C GLY B 155 -19.45 2.13 15.64
N VAL B 156 -19.30 3.13 14.77
CA VAL B 156 -18.36 3.05 13.65
C VAL B 156 -17.57 4.36 13.56
N THR B 157 -16.29 4.26 13.23
CA THR B 157 -15.45 5.45 13.06
C THR B 157 -14.45 5.34 11.89
N PRO B 158 -14.12 6.48 11.25
CA PRO B 158 -13.24 6.40 10.08
C PRO B 158 -11.78 6.10 10.42
N ILE B 159 -11.28 4.99 9.90
CA ILE B 159 -9.89 4.62 10.10
C ILE B 159 -9.00 5.83 9.92
N LYS B 160 -9.29 6.60 8.89
CA LYS B 160 -8.48 7.75 8.55
C LYS B 160 -8.45 8.83 9.64
N ASP B 161 -9.60 9.09 10.29
CA ASP B 161 -9.62 9.99 11.45
C ASP B 161 -8.77 9.52 12.64
N LEU B 162 -8.68 8.21 12.84
CA LEU B 162 -7.84 7.64 13.89
C LEU B 162 -6.37 7.92 13.66
N THR B 163 -5.94 7.74 12.42
CA THR B 163 -4.52 7.79 12.14
C THR B 163 -4.05 9.22 11.91
N ALA B 164 -4.97 10.13 11.66
CA ALA B 164 -4.55 11.49 11.33
C ALA B 164 -3.86 12.16 12.52
N HIS B 165 -4.19 11.70 13.72
CA HIS B 165 -3.58 12.26 14.93
C HIS B 165 -2.05 12.22 14.85
N PHE B 166 -1.52 11.29 14.07
CA PHE B 166 -0.09 11.04 14.04
C PHE B 166 0.60 11.70 12.84
N ARG B 167 -0.17 12.42 12.03
CA ARG B 167 0.43 13.16 10.92
C ARG B 167 1.57 14.02 11.42
N GLY B 168 2.50 14.33 10.52
CA GLY B 168 3.73 15.02 10.91
C GLY B 168 3.47 16.34 11.63
N ASP B 169 2.45 17.07 11.19
CA ASP B 169 2.18 18.41 11.70
C ASP B 169 1.38 18.38 13.01
N ARG B 170 0.97 17.19 13.43
CA ARG B 170 0.17 17.08 14.63
C ARG B 170 0.81 16.17 15.64
N CYS B 171 2.00 15.65 15.32
CA CYS B 171 2.71 14.76 16.23
C CYS B 171 4.21 14.93 16.01
N LYS B 172 4.71 16.11 16.36
CA LYS B 172 6.08 16.50 16.05
C LYS B 172 7.11 15.53 16.59
N THR B 173 6.85 14.89 17.73
CA THR B 173 7.84 13.98 18.31
C THR B 173 8.01 12.66 17.57
N LEU B 174 7.11 12.37 16.62
CA LEU B 174 7.25 11.18 15.77
C LEU B 174 7.62 11.53 14.31
N LEU B 175 7.93 12.79 14.08
CA LEU B 175 8.50 13.26 12.81
C LEU B 175 9.73 12.45 12.43
N GLU B 176 9.74 11.99 11.18
CA GLU B 176 10.81 11.17 10.62
C GLU B 176 10.86 9.75 11.15
N LYS B 177 9.90 9.36 11.97
CA LYS B 177 9.87 7.98 12.44
C LYS B 177 8.64 7.19 11.97
N PRO B 178 8.80 5.87 11.79
CA PRO B 178 7.75 5.02 11.25
C PRO B 178 6.58 4.89 12.21
N LYS B 179 5.39 5.21 11.70
CA LYS B 179 4.14 5.00 12.43
C LYS B 179 3.37 3.83 11.79
N LEU B 180 3.29 2.71 12.49
CA LEU B 180 2.76 1.48 11.91
C LEU B 180 1.35 1.15 12.37
N PHE B 181 0.50 0.77 11.44
CA PHE B 181 -0.86 0.36 11.77
C PHE B 181 -1.18 -0.98 11.17
N PHE B 182 -1.76 -1.85 11.99
CA PHE B 182 -2.06 -3.23 11.61
C PHE B 182 -3.55 -3.42 11.88
N ILE B 183 -4.30 -3.95 10.92
CA ILE B 183 -5.76 -3.84 10.97
C ILE B 183 -6.43 -5.15 10.59
N GLN B 184 -7.12 -5.77 11.53
CA GLN B 184 -7.84 -6.99 11.27
C GLN B 184 -9.31 -6.66 11.34
N ALA B 185 -9.98 -6.62 10.18
CA ALA B 185 -11.34 -6.13 10.09
C ALA B 185 -11.90 -6.26 8.69
N CYS B 186 -12.99 -7.03 8.53
N CYS B 186 -12.92 -7.08 8.50
CA CYS B 186 -13.83 -6.94 7.33
CA CYS B 186 -13.60 -7.04 7.20
C CYS B 186 -13.71 -5.55 6.65
C CYS B 186 -13.54 -5.61 6.65
N ARG B 187 -13.44 -5.53 5.34
CA ARG B 187 -13.27 -4.24 4.63
C ARG B 187 -14.34 -4.05 3.54
N GLY B 188 -15.42 -4.83 3.65
CA GLY B 188 -16.43 -4.95 2.61
C GLY B 188 -16.94 -6.38 2.61
N THR B 189 -18.00 -6.64 1.85
CA THR B 189 -18.64 -7.97 1.82
C THR B 189 -18.18 -8.92 0.70
N GLU B 190 -17.40 -8.42 -0.25
CA GLU B 190 -16.93 -9.24 -1.36
C GLU B 190 -16.08 -10.43 -0.91
N LEU B 191 -16.28 -11.58 -1.56
CA LEU B 191 -15.55 -12.81 -1.23
C LEU B 191 -14.62 -13.26 -2.36
N ASP B 192 -13.39 -13.61 -2.01
CA ASP B 192 -12.44 -14.12 -2.99
C ASP B 192 -12.75 -15.58 -3.26
N ASP B 193 -13.21 -15.85 -4.49
CA ASP B 193 -13.64 -17.20 -4.88
C ASP B 193 -12.46 -18.15 -5.09
N GLY B 194 -11.32 -17.61 -5.50
CA GLY B 194 -10.09 -18.40 -5.65
C GLY B 194 -9.83 -18.86 -7.07
N ILE B 195 -8.68 -19.50 -7.28
CA ILE B 195 -8.40 -20.17 -8.54
C ILE B 195 -7.18 -21.08 -8.45
N GLN B 196 -7.30 -22.28 -9.00
CA GLN B 196 -6.24 -23.28 -8.97
C GLN B 196 -4.96 -22.84 -9.65
N PRO B 210 12.46 25.15 4.83
CA PRO B 210 13.76 24.55 4.40
C PRO B 210 14.97 25.27 5.06
N CYS B 211 16.09 24.57 5.29
CA CYS B 211 16.45 23.30 4.60
C CYS B 211 15.38 22.22 4.69
N TYR B 212 15.13 21.60 3.53
CA TYR B 212 13.80 21.07 3.19
C TYR B 212 12.95 20.59 4.38
N LYS B 213 11.65 20.89 4.30
CA LYS B 213 10.70 20.25 5.20
C LYS B 213 10.51 18.78 4.81
N ILE B 214 9.48 18.17 5.42
CA ILE B 214 9.03 16.82 5.07
C ILE B 214 7.50 16.79 5.08
N PRO B 215 6.91 15.95 4.23
CA PRO B 215 5.45 15.92 4.13
C PRO B 215 4.80 15.28 5.36
N VAL B 216 3.58 15.71 5.67
CA VAL B 216 2.95 15.29 6.91
C VAL B 216 2.45 13.84 6.90
N GLU B 217 2.32 13.27 5.69
CA GLU B 217 1.83 11.90 5.47
C GLU B 217 2.96 10.90 5.21
N ALA B 218 4.19 11.34 5.40
CA ALA B 218 5.35 10.46 5.27
C ALA B 218 5.53 9.49 6.45
N ASP B 219 6.11 8.34 6.18
CA ASP B 219 6.52 7.43 7.22
C ASP B 219 5.35 6.74 7.92
N PHE B 220 4.24 6.59 7.20
CA PHE B 220 3.15 5.71 7.65
C PHE B 220 3.25 4.39 6.92
N LEU B 221 2.87 3.31 7.57
CA LEU B 221 2.63 2.04 6.90
C LEU B 221 1.39 1.41 7.49
N PHE B 222 0.44 1.04 6.64
CA PHE B 222 -0.74 0.28 7.07
C PHE B 222 -0.67 -1.13 6.51
N ALA B 223 -1.02 -2.10 7.33
CA ALA B 223 -1.10 -3.48 6.86
C ALA B 223 -2.48 -4.00 7.14
N TYR B 224 -3.34 -3.99 6.12
CA TYR B 224 -4.70 -4.50 6.26
C TYR B 224 -4.72 -6.00 6.10
N SER B 225 -5.61 -6.67 6.82
CA SER B 225 -5.66 -8.12 6.82
C SER B 225 -6.29 -8.60 5.52
N THR B 226 -6.89 -7.67 4.79
CA THR B 226 -7.53 -7.98 3.52
C THR B 226 -7.48 -6.78 2.57
N VAL B 227 -7.79 -6.98 1.29
CA VAL B 227 -7.84 -5.86 0.31
C VAL B 227 -9.17 -5.10 0.42
N PRO B 228 -9.21 -3.83 0.00
CA PRO B 228 -10.47 -3.10 0.10
C PRO B 228 -11.63 -3.85 -0.55
N GLY B 229 -12.81 -3.72 0.04
CA GLY B 229 -14.01 -4.26 -0.57
C GLY B 229 -14.32 -5.67 -0.11
N TYR B 230 -13.39 -6.28 0.62
CA TYR B 230 -13.43 -7.71 0.90
C TYR B 230 -13.62 -8.12 2.36
N TYR B 231 -13.79 -9.43 2.55
CA TYR B 231 -14.08 -10.03 3.83
C TYR B 231 -12.76 -10.40 4.52
N SER B 232 -12.78 -10.54 5.83
CA SER B 232 -11.60 -11.00 6.54
C SER B 232 -11.97 -12.22 7.37
N TRP B 233 -11.17 -13.28 7.26
CA TRP B 233 -11.50 -14.55 7.89
C TRP B 233 -10.91 -14.71 9.29
N ARG B 234 -11.74 -15.22 10.20
CA ARG B 234 -11.38 -15.40 11.59
C ARG B 234 -11.94 -16.73 12.07
N SER B 235 -11.10 -17.52 12.71
CA SER B 235 -11.51 -18.82 13.25
C SER B 235 -11.87 -18.72 14.75
N PRO B 236 -13.13 -19.05 15.11
CA PRO B 236 -13.52 -19.04 16.52
C PRO B 236 -12.46 -19.73 17.39
N GLY B 237 -11.69 -20.62 16.78
CA GLY B 237 -10.80 -21.49 17.53
C GLY B 237 -9.35 -21.04 17.54
N ARG B 238 -8.86 -20.56 16.40
CA ARG B 238 -7.44 -20.24 16.27
C ARG B 238 -7.19 -18.73 16.17
N GLY B 239 -8.26 -17.96 15.95
CA GLY B 239 -8.13 -16.54 15.63
C GLY B 239 -8.01 -16.29 14.14
N SER B 240 -7.77 -15.04 13.77
CA SER B 240 -7.80 -14.66 12.37
C SER B 240 -6.57 -15.11 11.57
N TRP B 241 -6.76 -15.31 10.27
CA TRP B 241 -5.72 -15.85 9.39
C TRP B 241 -4.53 -14.94 9.41
N PHE B 242 -4.81 -13.65 9.29
CA PHE B 242 -3.77 -12.64 9.26
C PHE B 242 -2.87 -12.67 10.51
N VAL B 243 -3.50 -12.77 11.69
CA VAL B 243 -2.77 -12.64 12.94
C VAL B 243 -1.98 -13.90 13.28
N GLN B 244 -2.57 -15.07 13.03
CA GLN B 244 -1.84 -16.33 13.08
C GLN B 244 -0.55 -16.23 12.29
N ALA B 245 -0.65 -15.77 11.06
CA ALA B 245 0.48 -15.67 10.14
C ALA B 245 1.48 -14.61 10.58
N LEU B 246 1.00 -13.38 10.77
CA LEU B 246 1.84 -12.31 11.27
C LEU B 246 2.60 -12.73 12.53
N SER B 247 1.87 -13.23 13.53
CA SER B 247 2.48 -13.52 14.81
C SER B 247 3.51 -14.63 14.65
N SER B 248 3.09 -15.69 14.00
CA SER B 248 3.99 -16.78 13.72
C SER B 248 5.26 -16.35 12.98
N ILE B 249 5.20 -15.29 12.18
CA ILE B 249 6.37 -14.90 11.39
C ILE B 249 7.32 -13.98 12.16
N LEU B 250 6.77 -13.26 13.14
CA LEU B 250 7.56 -12.40 14.01
C LEU B 250 8.28 -13.24 15.07
N GLU B 251 7.71 -14.39 15.42
CA GLU B 251 8.46 -15.37 16.19
C GLU B 251 9.75 -15.64 15.42
N GLU B 252 9.63 -16.36 14.31
CA GLU B 252 10.78 -16.83 13.56
C GLU B 252 11.72 -15.71 13.15
N HIS B 253 11.19 -14.66 12.54
CA HIS B 253 12.03 -13.73 11.82
C HIS B 253 11.86 -12.29 12.24
N GLY B 254 11.07 -12.08 13.30
CA GLY B 254 10.90 -10.78 13.90
C GLY B 254 12.13 -9.90 13.79
N LYS B 255 13.30 -10.45 14.06
CA LYS B 255 14.48 -9.60 14.24
C LYS B 255 15.48 -9.54 13.08
N ASP B 256 15.34 -10.46 12.12
CA ASP B 256 16.27 -10.55 10.99
C ASP B 256 15.70 -10.12 9.63
N LEU B 257 14.38 -9.88 9.54
CA LEU B 257 13.77 -9.48 8.27
C LEU B 257 13.27 -8.05 8.29
N GLU B 258 13.31 -7.39 7.13
CA GLU B 258 12.84 -6.01 7.02
C GLU B 258 11.31 -6.01 7.01
N ILE B 259 10.70 -4.86 7.30
CA ILE B 259 9.28 -4.87 7.59
C ILE B 259 8.46 -5.34 6.40
N MET B 260 8.90 -4.94 5.21
CA MET B 260 8.21 -5.31 3.98
C MET B 260 8.45 -6.76 3.64
N GLN B 261 9.59 -7.29 4.09
CA GLN B 261 9.82 -8.73 3.95
C GLN B 261 8.89 -9.53 4.86
N ILE B 262 8.80 -9.13 6.13
CA ILE B 262 7.87 -9.80 7.04
C ILE B 262 6.48 -9.84 6.39
N LEU B 263 6.00 -8.67 5.96
CA LEU B 263 4.62 -8.54 5.50
C LEU B 263 4.39 -9.24 4.17
N THR B 264 5.41 -9.26 3.32
CA THR B 264 5.31 -10.05 2.11
C THR B 264 5.14 -11.53 2.42
N ARG B 265 5.87 -12.02 3.41
CA ARG B 265 5.74 -13.41 3.80
C ARG B 265 4.39 -13.69 4.38
N VAL B 266 3.83 -12.71 5.10
CA VAL B 266 2.48 -12.86 5.62
C VAL B 266 1.49 -12.98 4.48
N ASN B 267 1.55 -12.06 3.52
CA ASN B 267 0.78 -12.20 2.28
C ASN B 267 0.88 -13.60 1.69
N ASP B 268 2.10 -14.08 1.52
CA ASP B 268 2.32 -15.43 1.04
C ASP B 268 1.63 -16.47 1.93
N ARG B 269 1.80 -16.36 3.24
CA ARG B 269 1.22 -17.34 4.15
C ARG B 269 -0.28 -17.43 4.03
N VAL B 270 -0.94 -16.27 4.03
CA VAL B 270 -2.40 -16.21 4.07
C VAL B 270 -2.99 -16.68 2.75
N ALA B 271 -2.33 -16.29 1.65
CA ALA B 271 -2.75 -16.66 0.31
C ALA B 271 -2.68 -18.16 0.09
N ARG B 272 -1.56 -18.75 0.49
CA ARG B 272 -1.18 -20.07 0.07
C ARG B 272 -1.75 -21.15 0.98
N HIS B 273 -2.07 -20.79 2.22
CA HIS B 273 -2.16 -21.79 3.28
C HIS B 273 -3.44 -21.77 4.08
N PHE B 274 -4.44 -21.03 3.61
CA PHE B 274 -5.73 -20.96 4.29
C PHE B 274 -6.84 -21.07 3.25
N GLU B 275 -7.96 -21.66 3.66
CA GLU B 275 -9.15 -21.80 2.83
C GLU B 275 -10.38 -22.03 3.70
N SER B 276 -11.43 -21.23 3.51
CA SER B 276 -12.59 -21.27 4.41
C SER B 276 -13.46 -22.51 4.20
N GLN B 277 -13.62 -23.30 5.26
CA GLN B 277 -14.53 -24.44 5.23
C GLN B 277 -15.86 -24.01 5.82
N SER B 278 -16.95 -24.38 5.15
CA SER B 278 -18.28 -23.94 5.58
C SER B 278 -19.38 -24.95 5.24
N ASP B 279 -20.58 -24.70 5.79
CA ASP B 279 -21.79 -25.43 5.41
C ASP B 279 -22.53 -24.69 4.29
N ASP B 280 -22.81 -23.40 4.53
CA ASP B 280 -23.29 -22.49 3.49
C ASP B 280 -22.24 -22.38 2.37
N PRO B 281 -22.55 -22.95 1.20
CA PRO B 281 -21.54 -23.08 0.14
C PRO B 281 -21.18 -21.72 -0.47
N HIS B 282 -21.89 -20.68 -0.02
CA HIS B 282 -21.57 -19.29 -0.34
C HIS B 282 -20.33 -18.83 0.42
N PHE B 283 -20.14 -19.36 1.62
CA PHE B 283 -18.95 -19.06 2.41
C PHE B 283 -17.92 -20.17 2.32
N HIS B 284 -18.13 -21.13 1.41
CA HIS B 284 -17.28 -22.31 1.33
C HIS B 284 -16.10 -22.13 0.37
N GLU B 285 -14.93 -22.62 0.80
CA GLU B 285 -13.68 -22.61 0.02
C GLU B 285 -13.30 -21.23 -0.50
N LYS B 286 -13.30 -20.23 0.38
CA LYS B 286 -12.89 -18.88 0.00
C LYS B 286 -11.42 -18.62 0.31
N LYS B 287 -10.86 -17.60 -0.36
CA LYS B 287 -9.45 -17.25 -0.18
C LYS B 287 -9.27 -15.78 0.25
N GLN B 288 -8.06 -15.46 0.70
CA GLN B 288 -7.79 -14.14 1.25
C GLN B 288 -6.38 -13.66 0.95
N ILE B 289 -6.27 -12.37 0.64
CA ILE B 289 -4.96 -11.74 0.49
C ILE B 289 -4.91 -10.41 1.22
N PRO B 290 -3.92 -10.25 2.11
CA PRO B 290 -3.79 -8.99 2.82
C PRO B 290 -3.22 -7.94 1.89
N CYS B 291 -3.03 -6.74 2.42
CA CYS B 291 -2.85 -5.55 1.60
C CYS B 291 -1.99 -4.57 2.38
N VAL B 292 -0.80 -4.25 1.88
CA VAL B 292 0.13 -3.37 2.59
C VAL B 292 0.27 -1.99 1.91
N VAL B 293 0.05 -0.91 2.64
CA VAL B 293 0.16 0.39 2.01
C VAL B 293 1.34 1.08 2.64
N SER B 294 2.38 1.37 1.88
CA SER B 294 3.59 1.97 2.46
C SER B 294 3.88 3.39 2.02
N MET B 295 4.10 4.25 3.02
CA MET B 295 4.60 5.61 2.81
C MET B 295 5.99 5.74 3.44
N LEU B 296 6.56 4.62 3.85
CA LEU B 296 7.87 4.60 4.49
C LEU B 296 8.94 5.16 3.56
N THR B 297 9.98 5.74 4.16
CA THR B 297 11.05 6.36 3.38
C THR B 297 12.42 5.77 3.69
N LYS B 298 12.46 4.69 4.47
CA LYS B 298 13.69 3.93 4.70
C LYS B 298 13.33 2.46 4.95
N GLU B 299 14.33 1.60 4.99
CA GLU B 299 14.11 0.24 5.46
C GLU B 299 14.00 0.25 6.99
N LEU B 300 13.28 -0.74 7.51
CA LEU B 300 12.94 -0.79 8.92
C LEU B 300 13.21 -2.18 9.47
N TYR B 301 14.17 -2.29 10.37
CA TYR B 301 14.38 -3.51 11.17
C TYR B 301 14.17 -3.22 12.63
N PHE B 302 13.67 -4.19 13.38
CA PHE B 302 13.54 -4.01 14.81
C PHE B 302 14.79 -4.46 15.57
N SER B 303 15.93 -3.86 15.24
CA SER B 303 17.19 -4.04 15.99
C SER B 303 18.26 -3.07 15.47
N GLN B 304 19.14 -2.63 16.38
CA GLN B 304 20.29 -1.78 15.98
C GLN B 304 21.26 -2.63 15.18
N LEU B 305 21.45 -3.87 15.65
CA LEU B 305 22.52 -4.76 15.17
C LEU B 305 23.73 -4.06 14.49
N GLU B 306 24.05 -4.47 13.25
CA GLU B 306 25.27 -4.02 12.55
C GLU B 306 26.57 -4.03 13.40
C FMT C . 6.53 17.60 -22.66
O1 FMT C . 7.48 16.85 -22.29
O2 FMT C . 5.34 17.25 -22.49
C FMT D . -1.17 15.11 -13.35
O1 FMT D . -0.04 15.14 -12.81
O2 FMT D . -1.95 16.09 -13.25
C FMT E . -5.70 -24.37 0.44
O1 FMT E . -5.73 -23.88 -0.72
O2 FMT E . -4.67 -24.28 1.15
C FMT F . -8.75 -11.02 -0.44
O1 FMT F . -9.48 -10.80 -1.44
O2 FMT F . -9.23 -11.02 0.72
C FMT G . 19.37 -6.15 11.65
O1 FMT G . 19.15 -7.38 11.55
O2 FMT G . 19.73 -5.48 10.66
C FMT H . -13.74 -9.89 12.32
O1 FMT H . -14.57 -9.20 11.68
O2 FMT H . -12.55 -9.87 11.95
#